data_6F1J
#
_entry.id   6F1J
#
_cell.length_a   43.827
_cell.length_b   88.978
_cell.length_c   72.663
_cell.angle_alpha   90.00
_cell.angle_beta   95.22
_cell.angle_gamma   90.00
#
_symmetry.space_group_name_H-M   'P 1 21 1'
#
loop_
_entity.id
_entity.type
_entity.pdbx_description
1 polymer protein
2 non-polymer 1,4-DIDEOXY-1,4-IMINO-L-ARABINITOL
3 non-polymer 'CALCIUM ION'
4 non-polymer DI(HYDROXYETHYL)ETHER
5 non-polymer 'ZINC ION'
6 water water
#
_entity_poly.entity_id   1
_entity_poly.type   'polypeptide(L)'
_entity_poly.pdbx_seq_one_letter_code
;MHFLAALLAVLPLVSGSPVPEKRSGCALPSTYKWTSTGPLASPKSGLVALRDYSHVIYNGQHLVYGSTANTAGSYGSMNF
GLFSDWSEMSSASQNTMSTGAVAPTIFYFAPKSVWILAYQWGPYAFSYRTSTDPSNANGWSSPQPLFTGTISGSSTGVID
QTVIGDSENMYLFFAGDNGHIYRASMPIGDFPGSFGSASTIVLSDSTNNLFEAVEVYTVEGQNQYLMIVEAIGANGRYFR
SFTASSLGGTWTAQASTESNPFAGKANSGATWTNDISSGDLVRTNPDQTQTIDACNLQFLYQGRSTSSGGDYNLLPYQPG
LLTLA
;
_entity_poly.pdbx_strand_id   A,B
#
loop_
_chem_comp.id
_chem_comp.type
_chem_comp.name
_chem_comp.formula
CA non-polymer 'CALCIUM ION' 'Ca 2'
EDG non-polymer 1,4-DIDEOXY-1,4-IMINO-L-ARABINITOL 'C5 H11 N O3'
PEG non-polymer DI(HYDROXYETHYL)ETHER 'C4 H10 O3'
ZN non-polymer 'ZINC ION' 'Zn 2'
#
# COMPACT_ATOMS: atom_id res chain seq x y z
N GLY A 25 0.02 38.04 -7.20
CA GLY A 25 1.09 37.42 -8.04
C GLY A 25 0.60 36.94 -9.41
N CYS A 26 0.88 35.69 -9.73
CA CYS A 26 0.50 35.09 -11.01
C CYS A 26 -0.22 33.77 -10.76
N ALA A 27 -1.31 33.55 -11.50
CA ALA A 27 -2.00 32.24 -11.52
C ALA A 27 -1.07 31.19 -12.15
N LEU A 28 -1.25 29.92 -11.78
CA LEU A 28 -0.49 28.84 -12.44
C LEU A 28 -0.79 28.81 -13.92
N PRO A 29 0.17 28.43 -14.76
CA PRO A 29 -0.13 28.21 -16.18
C PRO A 29 -1.25 27.20 -16.40
N SER A 30 -2.03 27.39 -17.48
CA SER A 30 -2.92 26.36 -17.99
C SER A 30 -2.16 25.29 -18.77
N THR A 31 -1.11 25.70 -19.52
CA THR A 31 -0.29 24.80 -20.33
CA THR A 31 -0.29 24.83 -20.35
C THR A 31 1.17 25.17 -20.07
N TYR A 32 2.00 24.15 -19.80
CA TYR A 32 3.41 24.36 -19.45
C TYR A 32 4.35 24.14 -20.65
N LYS A 33 5.37 24.98 -20.74
N LYS A 33 5.33 25.02 -20.79
CA LYS A 33 6.47 24.81 -21.69
CA LYS A 33 6.49 24.75 -21.66
C LYS A 33 7.69 25.50 -21.08
C LYS A 33 7.69 25.50 -21.08
N TRP A 34 8.89 25.00 -21.39
CA TRP A 34 10.12 25.46 -20.72
C TRP A 34 11.29 25.59 -21.71
N THR A 35 12.31 26.31 -21.28
CA THR A 35 13.67 26.20 -21.82
C THR A 35 14.56 25.58 -20.71
N SER A 36 15.71 25.03 -21.10
CA SER A 36 16.60 24.31 -20.17
C SER A 36 18.05 24.70 -20.35
N THR A 37 18.78 24.63 -19.24
CA THR A 37 20.24 24.57 -19.27
C THR A 37 20.71 23.17 -19.70
N GLY A 38 22.01 23.05 -19.99
CA GLY A 38 22.65 21.72 -19.99
C GLY A 38 22.91 21.24 -18.55
N PRO A 39 23.67 20.14 -18.42
CA PRO A 39 24.02 19.69 -17.05
C PRO A 39 24.85 20.74 -16.31
N LEU A 40 24.55 20.92 -15.01
CA LEU A 40 25.13 22.00 -14.20
C LEU A 40 26.26 21.54 -13.26
N ALA A 41 26.41 20.24 -13.08
CA ALA A 41 27.50 19.68 -12.24
C ALA A 41 27.73 18.23 -12.62
N SER A 42 28.91 17.71 -12.24
CA SER A 42 29.23 16.29 -12.48
CA SER A 42 29.20 16.29 -12.46
CA SER A 42 29.26 16.31 -12.50
C SER A 42 29.75 15.67 -11.18
N PRO A 43 29.45 14.38 -10.95
CA PRO A 43 29.82 13.80 -9.64
C PRO A 43 31.33 13.72 -9.40
N LYS A 44 31.76 14.06 -8.18
CA LYS A 44 33.19 13.98 -7.80
C LYS A 44 33.69 12.53 -7.81
N SER A 45 35.01 12.38 -7.75
CA SER A 45 35.69 11.05 -7.67
C SER A 45 35.05 10.16 -6.61
N GLY A 46 34.75 8.91 -7.00
CA GLY A 46 34.15 7.90 -6.12
C GLY A 46 32.63 7.85 -6.18
N LEU A 47 32.00 8.84 -6.85
CA LEU A 47 30.55 8.88 -7.04
C LEU A 47 30.21 8.74 -8.51
N VAL A 48 29.02 8.20 -8.79
CA VAL A 48 28.50 8.09 -10.16
C VAL A 48 27.28 8.95 -10.44
N ALA A 49 26.62 9.47 -9.40
CA ALA A 49 25.35 10.24 -9.58
C ALA A 49 25.12 11.19 -8.43
N LEU A 50 24.40 12.27 -8.77
CA LEU A 50 23.86 13.29 -7.83
C LEU A 50 22.36 13.30 -8.09
N ARG A 51 21.53 13.11 -7.04
CA ARG A 51 20.09 12.85 -7.20
C ARG A 51 19.22 13.64 -6.20
N ASP A 52 17.93 13.79 -6.52
CA ASP A 52 16.89 14.12 -5.51
C ASP A 52 17.12 15.47 -4.80
N TYR A 53 17.40 16.52 -5.58
CA TYR A 53 17.82 17.80 -4.98
C TYR A 53 16.71 18.46 -4.15
N SER A 54 17.14 19.21 -3.13
CA SER A 54 16.26 20.14 -2.36
C SER A 54 17.04 21.45 -2.19
N HIS A 55 16.42 22.57 -2.62
CA HIS A 55 17.09 23.88 -2.67
C HIS A 55 16.43 24.94 -1.79
N VAL A 56 17.26 25.76 -1.14
CA VAL A 56 16.81 27.00 -0.47
C VAL A 56 17.81 28.11 -0.76
N ILE A 57 17.34 29.36 -0.68
CA ILE A 57 18.20 30.55 -0.59
C ILE A 57 18.62 30.74 0.87
N TYR A 58 19.94 30.81 1.07
CA TYR A 58 20.55 30.96 2.38
C TYR A 58 21.56 32.12 2.30
N ASN A 59 21.33 33.21 3.06
CA ASN A 59 22.23 34.39 3.05
C ASN A 59 22.45 34.87 1.61
N GLY A 60 21.37 34.90 0.81
CA GLY A 60 21.42 35.36 -0.59
C GLY A 60 22.01 34.41 -1.62
N GLN A 61 22.45 33.22 -1.19
CA GLN A 61 23.12 32.25 -2.06
C GLN A 61 22.31 30.95 -2.21
N HIS A 62 22.64 30.17 -3.23
CA HIS A 62 21.99 28.86 -3.43
C HIS A 62 22.60 27.82 -2.48
N LEU A 63 21.73 27.17 -1.68
CA LEU A 63 22.07 26.04 -0.80
C LEU A 63 21.30 24.81 -1.27
N VAL A 64 22.01 23.81 -1.81
CA VAL A 64 21.40 22.60 -2.37
C VAL A 64 21.89 21.36 -1.62
N TYR A 65 20.94 20.55 -1.11
CA TYR A 65 21.21 19.21 -0.57
C TYR A 65 20.73 18.17 -1.61
N GLY A 66 21.33 16.97 -1.56
CA GLY A 66 20.85 15.88 -2.41
C GLY A 66 21.41 14.53 -2.02
N SER A 67 20.90 13.50 -2.69
CA SER A 67 21.42 12.14 -2.58
C SER A 67 22.68 11.95 -3.45
N THR A 68 23.42 10.88 -3.14
CA THR A 68 24.55 10.40 -3.98
C THR A 68 24.35 8.91 -4.27
N ALA A 69 24.92 8.44 -5.38
CA ALA A 69 25.14 7.00 -5.62
C ALA A 69 26.64 6.80 -5.89
N ASN A 70 27.23 5.78 -5.25
CA ASN A 70 28.67 5.51 -5.42
C ASN A 70 28.93 4.43 -6.47
N THR A 71 30.20 4.05 -6.64
CA THR A 71 30.57 3.11 -7.71
C THR A 71 29.97 1.70 -7.49
N ALA A 72 29.57 1.39 -6.24
CA ALA A 72 28.86 0.14 -5.93
C ALA A 72 27.34 0.22 -6.02
N GLY A 73 26.78 1.39 -6.38
CA GLY A 73 25.34 1.57 -6.41
C GLY A 73 24.68 1.78 -5.06
N SER A 74 25.47 2.15 -4.04
N SER A 74 25.47 2.15 -4.05
CA SER A 74 24.96 2.43 -2.70
CA SER A 74 24.96 2.43 -2.70
C SER A 74 24.66 3.93 -2.57
C SER A 74 24.66 3.93 -2.57
N TYR A 75 23.59 4.25 -1.81
CA TYR A 75 23.11 5.62 -1.69
C TYR A 75 23.56 6.30 -0.40
N GLY A 76 23.93 7.58 -0.53
CA GLY A 76 24.29 8.46 0.60
C GLY A 76 23.74 9.86 0.32
N SER A 77 24.34 10.87 0.95
CA SER A 77 23.89 12.25 0.75
C SER A 77 25.03 13.27 0.89
N MET A 78 24.72 14.53 0.54
CA MET A 78 25.73 15.59 0.41
C MET A 78 25.04 16.94 0.40
N ASN A 79 25.84 18.01 0.57
CA ASN A 79 25.42 19.33 0.05
C ASN A 79 26.49 19.86 -0.91
N PHE A 80 26.08 20.89 -1.66
CA PHE A 80 27.00 21.67 -2.49
C PHE A 80 27.47 22.89 -1.70
N GLY A 81 28.72 23.31 -1.89
CA GLY A 81 29.16 24.58 -1.33
C GLY A 81 28.26 25.73 -1.82
N LEU A 82 28.08 26.77 -1.00
CA LEU A 82 27.22 27.90 -1.39
C LEU A 82 27.71 28.52 -2.70
N PHE A 83 26.78 28.85 -3.64
CA PHE A 83 27.17 29.40 -4.95
C PHE A 83 26.12 30.47 -5.34
N SER A 84 26.55 31.51 -6.07
CA SER A 84 25.68 32.64 -6.36
C SER A 84 24.79 32.50 -7.59
N ASP A 85 25.36 31.99 -8.67
CA ASP A 85 24.67 31.87 -9.99
C ASP A 85 24.68 30.40 -10.38
N TRP A 86 23.66 29.95 -11.11
CA TRP A 86 23.60 28.54 -11.55
C TRP A 86 24.80 28.10 -12.40
N SER A 87 25.40 29.03 -13.15
CA SER A 87 26.62 28.72 -13.92
C SER A 87 27.85 28.37 -13.07
N GLU A 88 27.80 28.69 -11.77
CA GLU A 88 28.89 28.42 -10.80
C GLU A 88 28.66 27.11 -10.03
N MET A 89 27.56 26.40 -10.27
CA MET A 89 27.31 25.14 -9.55
C MET A 89 28.39 24.08 -9.86
N SER A 90 28.96 24.13 -11.08
CA SER A 90 29.94 23.12 -11.50
C SER A 90 31.25 23.22 -10.72
N SER A 91 31.57 24.39 -10.16
CA SER A 91 32.79 24.57 -9.36
CA SER A 91 32.79 24.58 -9.37
C SER A 91 32.55 24.54 -7.85
N ALA A 92 31.30 24.35 -7.43
CA ALA A 92 30.97 24.24 -6.01
C ALA A 92 31.48 22.91 -5.42
N SER A 93 31.93 22.96 -4.18
CA SER A 93 32.34 21.74 -3.46
C SER A 93 31.18 20.76 -3.36
N GLN A 94 31.52 19.47 -3.31
CA GLN A 94 30.55 18.39 -3.04
C GLN A 94 30.93 17.74 -1.72
N ASN A 95 30.12 18.01 -0.69
CA ASN A 95 30.47 17.72 0.71
C ASN A 95 29.67 16.52 1.23
N THR A 96 30.37 15.39 1.40
CA THR A 96 29.76 14.12 1.81
C THR A 96 29.28 14.21 3.26
N MET A 97 28.04 13.72 3.53
CA MET A 97 27.52 13.61 4.90
C MET A 97 28.02 12.31 5.55
N SER A 98 28.51 12.43 6.79
N SER A 98 28.51 12.43 6.79
CA SER A 98 29.07 11.31 7.57
CA SER A 98 29.10 11.28 7.49
C SER A 98 28.05 10.21 7.88
C SER A 98 28.05 10.21 7.88
N THR A 99 26.81 10.61 8.13
CA THR A 99 25.66 9.68 8.21
C THR A 99 24.64 10.12 7.15
N GLY A 100 24.22 9.17 6.33
CA GLY A 100 23.39 9.48 5.17
C GLY A 100 22.00 10.01 5.47
N ALA A 101 21.56 10.95 4.64
CA ALA A 101 20.22 11.55 4.68
C ALA A 101 19.63 11.52 3.24
N VAL A 102 19.28 10.31 2.78
CA VAL A 102 18.89 10.09 1.39
C VAL A 102 17.52 10.74 1.05
N ALA A 103 17.45 11.32 -0.15
CA ALA A 103 16.26 12.00 -0.70
C ALA A 103 15.77 13.08 0.27
N PRO A 104 16.64 14.08 0.56
CA PRO A 104 16.36 15.04 1.62
C PRO A 104 15.33 16.12 1.26
N THR A 105 14.71 16.70 2.29
CA THR A 105 13.96 17.97 2.18
C THR A 105 14.56 18.96 3.17
N ILE A 106 14.96 20.16 2.69
CA ILE A 106 15.43 21.25 3.58
C ILE A 106 14.45 22.42 3.56
N PHE A 107 14.15 22.97 4.75
CA PHE A 107 13.38 24.21 4.89
C PHE A 107 13.70 24.86 6.26
N TYR A 108 13.33 26.13 6.40
CA TYR A 108 13.45 26.90 7.64
C TYR A 108 12.09 26.86 8.37
N PHE A 109 12.07 26.30 9.58
CA PHE A 109 10.83 26.28 10.39
C PHE A 109 10.76 27.56 11.25
N ALA A 110 10.08 28.58 10.71
CA ALA A 110 10.11 29.93 11.31
C ALA A 110 9.58 30.01 12.75
N PRO A 111 8.50 29.26 13.10
CA PRO A 111 7.98 29.42 14.48
C PRO A 111 8.94 29.04 15.60
N LYS A 112 9.93 28.16 15.31
CA LYS A 112 10.96 27.78 16.30
C LYS A 112 12.39 28.12 15.78
N SER A 113 12.50 29.04 14.83
CA SER A 113 13.78 29.63 14.41
C SER A 113 14.89 28.60 14.12
N VAL A 114 14.55 27.53 13.39
CA VAL A 114 15.48 26.40 13.21
C VAL A 114 15.33 25.80 11.81
N TRP A 115 16.45 25.38 11.20
CA TRP A 115 16.41 24.66 9.93
C TRP A 115 16.18 23.15 10.16
N ILE A 116 15.48 22.52 9.22
CA ILE A 116 15.09 21.12 9.23
C ILE A 116 15.61 20.40 7.99
N LEU A 117 16.13 19.19 8.22
CA LEU A 117 16.55 18.24 7.14
C LEU A 117 15.79 16.94 7.35
N ALA A 118 14.81 16.61 6.48
CA ALA A 118 14.00 15.37 6.56
C ALA A 118 14.52 14.38 5.50
N TYR A 119 14.39 13.07 5.75
CA TYR A 119 15.00 12.07 4.86
C TYR A 119 14.53 10.63 5.13
N GLN A 120 14.82 9.73 4.20
CA GLN A 120 14.51 8.29 4.26
C GLN A 120 15.76 7.45 4.53
N TRP A 121 15.51 6.17 4.83
CA TRP A 121 16.55 5.11 4.96
C TRP A 121 17.50 5.30 6.15
N GLY A 122 17.10 6.16 7.10
CA GLY A 122 17.76 6.32 8.40
C GLY A 122 17.14 5.40 9.46
N PRO A 123 17.24 5.78 10.75
CA PRO A 123 16.78 4.86 11.82
C PRO A 123 15.25 4.73 11.96
N TYR A 124 14.50 5.64 11.32
CA TYR A 124 13.02 5.66 11.33
C TYR A 124 12.53 5.69 9.87
N ALA A 125 11.27 5.30 9.64
CA ALA A 125 10.68 5.27 8.28
C ALA A 125 10.94 6.62 7.57
N PHE A 126 10.62 7.73 8.23
CA PHE A 126 11.23 9.03 7.88
C PHE A 126 11.83 9.63 9.17
N SER A 127 12.97 10.31 9.00
CA SER A 127 13.73 10.95 10.10
C SER A 127 13.88 12.44 9.83
N TYR A 128 14.23 13.21 10.86
CA TYR A 128 14.71 14.59 10.66
C TYR A 128 15.86 14.92 11.61
N ARG A 129 16.64 15.94 11.21
CA ARG A 129 17.63 16.60 12.06
C ARG A 129 17.37 18.11 12.03
N THR A 130 17.91 18.81 13.03
CA THR A 130 17.81 20.27 13.15
C THR A 130 19.18 20.94 13.09
N SER A 131 19.21 22.21 12.70
CA SER A 131 20.47 22.99 12.67
C SER A 131 20.22 24.49 12.66
N THR A 132 21.15 25.23 13.25
CA THR A 132 21.26 26.70 13.06
C THR A 132 22.42 27.10 12.10
N ASP A 133 23.10 26.09 11.53
CA ASP A 133 24.25 26.27 10.61
C ASP A 133 24.07 25.35 9.37
N PRO A 134 22.98 25.54 8.59
CA PRO A 134 22.62 24.53 7.55
C PRO A 134 23.59 24.47 6.34
N SER A 135 24.47 25.46 6.16
CA SER A 135 25.48 25.36 5.09
C SER A 135 26.53 24.28 5.41
N ASN A 136 26.63 23.86 6.68
CA ASN A 136 27.57 22.79 7.09
C ASN A 136 26.87 21.43 6.95
N ALA A 137 27.31 20.62 6.00
CA ALA A 137 26.71 19.30 5.75
C ALA A 137 26.71 18.37 6.96
N ASN A 138 27.69 18.57 7.84
CA ASN A 138 27.87 17.72 9.03
C ASN A 138 27.59 18.44 10.36
N GLY A 139 26.80 19.53 10.31
CA GLY A 139 26.48 20.31 11.52
C GLY A 139 25.12 20.06 12.14
N TRP A 140 24.43 18.99 11.70
CA TRP A 140 23.05 18.71 12.12
C TRP A 140 23.00 17.96 13.45
N SER A 141 21.86 18.09 14.15
CA SER A 141 21.59 17.37 15.40
C SER A 141 21.52 15.87 15.20
N SER A 142 21.44 15.13 16.31
CA SER A 142 21.14 13.70 16.22
C SER A 142 19.76 13.45 15.55
N PRO A 143 19.59 12.34 14.82
CA PRO A 143 18.29 12.02 14.18
C PRO A 143 17.14 11.83 15.19
N GLN A 144 15.96 12.31 14.75
CA GLN A 144 14.69 12.22 15.48
C GLN A 144 13.63 11.60 14.57
N PRO A 145 12.60 10.93 15.14
CA PRO A 145 11.55 10.34 14.30
C PRO A 145 10.61 11.40 13.67
N LEU A 146 10.43 11.31 12.35
CA LEU A 146 9.42 12.10 11.61
C LEU A 146 8.16 11.28 11.33
N PHE A 147 8.31 9.98 11.07
CA PHE A 147 7.19 9.06 10.75
C PHE A 147 7.67 7.65 11.04
N THR A 148 6.80 6.83 11.64
CA THR A 148 7.15 5.43 12.02
C THR A 148 6.15 4.39 11.49
N GLY A 149 5.35 4.75 10.49
CA GLY A 149 4.36 3.83 9.91
C GLY A 149 4.80 3.08 8.67
N THR A 150 3.88 2.26 8.20
CA THR A 150 4.08 1.33 7.08
C THR A 150 2.97 1.53 6.03
N ILE A 151 3.23 0.99 4.85
CA ILE A 151 2.31 0.91 3.72
C ILE A 151 2.35 -0.51 3.14
N SER A 152 1.53 -0.76 2.13
CA SER A 152 1.50 -2.07 1.46
C SER A 152 1.60 -1.89 -0.07
N GLY A 153 1.67 -3.00 -0.78
CA GLY A 153 1.69 -2.98 -2.24
C GLY A 153 2.94 -2.40 -2.85
N SER A 154 4.09 -2.45 -2.14
CA SER A 154 5.30 -1.70 -2.50
C SER A 154 6.57 -2.53 -2.44
N SER A 155 7.41 -2.44 -3.47
N SER A 155 7.40 -2.45 -3.47
CA SER A 155 8.73 -3.08 -3.46
CA SER A 155 8.73 -3.10 -3.46
C SER A 155 9.79 -2.30 -2.70
C SER A 155 9.79 -2.30 -2.70
N THR A 156 9.52 -1.03 -2.40
CA THR A 156 10.50 -0.14 -1.73
C THR A 156 10.13 0.19 -0.29
N GLY A 157 8.85 0.16 0.06
CA GLY A 157 8.38 0.82 1.28
C GLY A 157 8.23 2.32 1.07
N VAL A 158 7.98 3.06 2.17
CA VAL A 158 7.76 4.53 2.05
C VAL A 158 8.99 5.21 1.44
N ILE A 159 8.74 6.22 0.58
CA ILE A 159 9.84 6.84 -0.18
C ILE A 159 9.48 8.30 -0.48
N ASP A 160 10.51 9.15 -0.61
CA ASP A 160 10.35 10.51 -1.16
C ASP A 160 9.35 11.42 -0.41
N GLN A 161 9.65 11.65 0.88
CA GLN A 161 8.81 12.60 1.65
C GLN A 161 8.97 14.05 1.16
N THR A 162 7.94 14.84 1.45
CA THR A 162 8.08 16.29 1.62
C THR A 162 7.26 16.70 2.86
N VAL A 163 7.54 17.91 3.35
CA VAL A 163 6.90 18.47 4.56
C VAL A 163 6.50 19.92 4.23
N ILE A 164 5.25 20.30 4.58
CA ILE A 164 4.70 21.64 4.25
C ILE A 164 3.68 22.05 5.30
N GLY A 165 3.68 23.33 5.65
CA GLY A 165 2.70 23.85 6.63
C GLY A 165 1.78 24.96 6.10
N ASP A 166 0.63 25.07 6.79
CA ASP A 166 -0.22 26.27 6.75
C ASP A 166 -0.18 26.91 8.15
N SER A 167 -1.07 27.86 8.44
N SER A 167 -1.07 27.86 8.44
CA SER A 167 -1.01 28.56 9.72
CA SER A 167 -1.00 28.56 9.74
C SER A 167 -1.41 27.68 10.92
C SER A 167 -1.42 27.67 10.92
N GLU A 168 -2.09 26.57 10.65
N GLU A 168 -2.12 26.57 10.65
CA GLU A 168 -2.63 25.70 11.71
CA GLU A 168 -2.70 25.69 11.68
C GLU A 168 -1.96 24.35 11.91
C GLU A 168 -1.97 24.36 11.91
N ASN A 169 -1.58 23.70 10.80
CA ASN A 169 -1.03 22.34 10.83
C ASN A 169 0.22 22.21 9.95
N MET A 170 1.06 21.26 10.34
CA MET A 170 2.13 20.72 9.45
C MET A 170 1.62 19.44 8.80
N TYR A 171 2.07 19.20 7.56
CA TYR A 171 1.65 18.04 6.74
C TYR A 171 2.89 17.32 6.20
N LEU A 172 2.75 16.00 6.12
CA LEU A 172 3.74 15.09 5.52
C LEU A 172 3.07 14.46 4.29
N PHE A 173 3.71 14.52 3.11
CA PHE A 173 3.24 13.77 1.93
C PHE A 173 4.39 12.85 1.49
N PHE A 174 4.04 11.65 0.96
CA PHE A 174 5.06 10.71 0.49
C PHE A 174 4.47 9.72 -0.51
N ALA A 175 5.38 8.93 -1.12
CA ALA A 175 5.02 7.97 -2.17
C ALA A 175 5.43 6.54 -1.75
N GLY A 176 5.23 5.58 -2.66
CA GLY A 176 5.60 4.19 -2.40
C GLY A 176 6.00 3.37 -3.62
N ASP A 177 6.37 4.02 -4.74
CA ASP A 177 6.67 3.28 -5.98
C ASP A 177 5.51 2.32 -6.34
N ASN A 178 4.28 2.78 -6.11
CA ASN A 178 3.12 1.86 -6.15
C ASN A 178 1.80 2.52 -6.60
N GLY A 179 1.85 3.70 -7.21
CA GLY A 179 0.61 4.34 -7.70
C GLY A 179 -0.21 5.11 -6.66
N HIS A 180 0.33 5.28 -5.45
N HIS A 180 0.31 5.26 -5.44
CA HIS A 180 -0.38 6.00 -4.38
CA HIS A 180 -0.39 6.00 -4.40
C HIS A 180 0.44 7.16 -3.83
C HIS A 180 0.44 7.16 -3.84
N ILE A 181 -0.27 8.21 -3.40
CA ILE A 181 0.30 9.33 -2.62
C ILE A 181 -0.43 9.35 -1.27
N TYR A 182 0.38 9.49 -0.21
CA TYR A 182 -0.03 9.36 1.19
C TYR A 182 0.14 10.70 1.93
N ARG A 183 -0.68 10.91 2.97
CA ARG A 183 -0.65 12.14 3.80
C ARG A 183 -0.80 11.84 5.29
N ALA A 184 -0.05 12.60 6.10
CA ALA A 184 -0.29 12.67 7.56
C ALA A 184 -0.23 14.15 7.99
N SER A 185 -0.74 14.46 9.19
CA SER A 185 -0.73 15.84 9.69
C SER A 185 -0.60 15.90 11.22
N MET A 186 -0.17 17.08 11.70
CA MET A 186 -0.08 17.37 13.15
CA MET A 186 -0.09 17.36 13.15
C MET A 186 -0.30 18.86 13.40
N PRO A 187 -0.76 19.25 14.61
CA PRO A 187 -0.81 20.69 14.92
C PRO A 187 0.59 21.36 14.83
N ILE A 188 0.63 22.60 14.31
CA ILE A 188 1.94 23.25 14.10
C ILE A 188 2.74 23.42 15.40
N GLY A 189 2.06 23.62 16.54
CA GLY A 189 2.73 23.74 17.85
C GLY A 189 3.46 22.48 18.33
N ASP A 190 3.13 21.32 17.74
CA ASP A 190 3.80 20.05 18.07
C ASP A 190 5.06 19.81 17.24
N PHE A 191 5.33 20.64 16.24
CA PHE A 191 6.49 20.46 15.34
C PHE A 191 7.67 21.32 15.84
N PRO A 192 8.93 20.84 15.75
CA PRO A 192 9.37 19.53 15.26
C PRO A 192 8.98 18.36 16.17
N GLY A 193 8.55 17.26 15.55
CA GLY A 193 8.17 16.05 16.25
C GLY A 193 7.68 15.01 15.25
N SER A 194 7.25 13.86 15.76
CA SER A 194 6.78 12.76 14.88
C SER A 194 5.33 12.95 14.46
N PHE A 195 5.05 12.64 13.18
CA PHE A 195 3.70 12.55 12.64
C PHE A 195 2.95 11.28 13.09
N GLY A 196 3.66 10.33 13.75
CA GLY A 196 3.06 9.05 14.15
C GLY A 196 3.23 7.97 13.09
N SER A 197 2.31 7.01 13.07
CA SER A 197 2.35 5.88 12.14
C SER A 197 1.16 5.80 11.17
N ALA A 198 0.08 6.55 11.40
CA ALA A 198 -1.11 6.50 10.53
C ALA A 198 -0.94 7.41 9.31
N SER A 199 -1.55 7.00 8.19
CA SER A 199 -1.59 7.85 6.99
C SER A 199 -2.93 7.66 6.26
N THR A 200 -3.24 8.59 5.35
CA THR A 200 -4.43 8.53 4.49
C THR A 200 -3.96 8.60 3.02
N ILE A 201 -4.58 7.79 2.14
CA ILE A 201 -4.29 7.84 0.70
C ILE A 201 -5.10 9.00 0.07
N VAL A 202 -4.41 9.93 -0.59
CA VAL A 202 -5.05 11.08 -1.25
C VAL A 202 -5.17 10.95 -2.77
N LEU A 203 -4.35 10.10 -3.41
CA LEU A 203 -4.41 9.86 -4.86
C LEU A 203 -4.04 8.41 -5.12
N SER A 204 -4.73 7.80 -6.10
CA SER A 204 -4.46 6.41 -6.56
CA SER A 204 -4.44 6.42 -6.54
C SER A 204 -4.56 6.30 -8.07
N ASP A 205 -3.60 5.62 -8.69
CA ASP A 205 -3.59 5.39 -10.14
C ASP A 205 -2.72 4.15 -10.38
N SER A 206 -2.46 3.83 -11.65
CA SER A 206 -1.46 2.81 -12.00
C SER A 206 -0.09 3.17 -11.41
N THR A 207 0.70 2.14 -11.10
CA THR A 207 2.06 2.35 -10.58
C THR A 207 2.87 3.35 -11.42
N ASN A 208 2.87 3.18 -12.74
CA ASN A 208 3.64 4.08 -13.62
C ASN A 208 3.16 5.53 -13.64
N ASN A 209 1.86 5.75 -13.39
CA ASN A 209 1.31 7.10 -13.43
C ASN A 209 1.52 7.95 -12.16
N LEU A 210 1.71 7.32 -11.01
CA LEU A 210 2.01 8.05 -9.74
C LEU A 210 3.12 7.29 -9.04
N PHE A 211 4.34 7.47 -9.50
CA PHE A 211 5.42 6.58 -9.09
C PHE A 211 6.15 7.08 -7.84
N GLU A 212 6.78 8.28 -7.88
CA GLU A 212 7.61 8.72 -6.75
C GLU A 212 7.91 10.22 -6.82
N ALA A 213 8.81 10.69 -5.94
CA ALA A 213 9.39 12.04 -6.01
C ALA A 213 8.31 13.16 -5.97
N VAL A 214 7.33 12.96 -5.07
CA VAL A 214 6.26 13.95 -4.86
C VAL A 214 6.82 15.24 -4.23
N GLU A 215 6.30 16.39 -4.67
CA GLU A 215 6.61 17.69 -4.05
C GLU A 215 5.32 18.49 -3.95
N VAL A 216 5.21 19.33 -2.90
CA VAL A 216 4.01 20.16 -2.65
C VAL A 216 4.45 21.57 -2.28
N TYR A 217 3.75 22.57 -2.85
CA TYR A 217 4.12 23.98 -2.71
C TYR A 217 2.87 24.87 -2.47
N THR A 218 3.09 25.98 -1.76
CA THR A 218 2.08 27.07 -1.68
C THR A 218 2.26 28.00 -2.88
N VAL A 219 1.19 28.25 -3.66
CA VAL A 219 1.29 29.13 -4.83
C VAL A 219 1.13 30.57 -4.35
N GLU A 220 2.19 31.39 -4.40
CA GLU A 220 2.19 32.70 -3.75
C GLU A 220 0.99 33.56 -4.21
N GLY A 221 0.20 34.04 -3.25
CA GLY A 221 -0.89 34.99 -3.53
C GLY A 221 -2.17 34.41 -4.10
N GLN A 222 -2.22 33.10 -4.36
CA GLN A 222 -3.34 32.50 -5.12
C GLN A 222 -4.33 31.67 -4.29
N ASN A 223 -4.07 31.51 -2.99
CA ASN A 223 -4.95 30.69 -2.13
C ASN A 223 -5.12 29.28 -2.71
N GLN A 224 -3.97 28.68 -3.08
CA GLN A 224 -3.91 27.41 -3.80
C GLN A 224 -2.57 26.73 -3.51
N TYR A 225 -2.60 25.40 -3.67
CA TYR A 225 -1.43 24.53 -3.54
C TYR A 225 -1.21 23.75 -4.84
N LEU A 226 0.07 23.51 -5.14
CA LEU A 226 0.53 22.73 -6.30
C LEU A 226 1.22 21.46 -5.82
N MET A 227 0.82 20.31 -6.36
CA MET A 227 1.53 19.02 -6.17
C MET A 227 2.06 18.55 -7.50
N ILE A 228 3.33 18.10 -7.51
CA ILE A 228 3.90 17.43 -8.70
C ILE A 228 4.35 16.02 -8.30
N VAL A 229 4.22 15.07 -9.24
CA VAL A 229 4.57 13.66 -8.99
C VAL A 229 5.29 13.11 -10.24
N GLU A 230 6.38 12.35 -10.00
CA GLU A 230 7.14 11.69 -11.08
C GLU A 230 6.40 10.43 -11.55
N ALA A 231 6.31 10.31 -12.87
CA ALA A 231 5.71 9.19 -13.60
C ALA A 231 6.74 8.57 -14.58
N ILE A 232 6.48 7.30 -14.93
CA ILE A 232 7.28 6.56 -15.92
C ILE A 232 6.52 6.59 -17.24
N GLY A 233 7.10 7.27 -18.23
CA GLY A 233 6.53 7.37 -19.57
C GLY A 233 7.14 6.42 -20.58
N ALA A 234 6.55 6.38 -21.77
CA ALA A 234 7.11 5.65 -22.91
C ALA A 234 8.49 6.18 -23.33
N ASN A 235 8.70 7.49 -23.17
CA ASN A 235 9.90 8.16 -23.69
C ASN A 235 10.86 8.66 -22.62
N GLY A 236 10.54 8.40 -21.34
CA GLY A 236 11.36 8.89 -20.21
C GLY A 236 10.54 9.18 -18.97
N ARG A 237 11.24 9.51 -17.89
CA ARG A 237 10.59 10.02 -16.68
C ARG A 237 10.03 11.43 -16.94
N TYR A 238 8.87 11.72 -16.35
CA TYR A 238 8.23 13.05 -16.51
C TYR A 238 7.39 13.33 -15.25
N PHE A 239 6.92 14.58 -15.13
CA PHE A 239 6.07 15.00 -14.00
C PHE A 239 4.64 15.35 -14.43
N ARG A 240 3.70 14.94 -13.58
CA ARG A 240 2.27 15.30 -13.64
CA ARG A 240 2.28 15.30 -13.65
C ARG A 240 1.98 16.29 -12.50
N SER A 241 0.96 17.14 -12.65
CA SER A 241 0.58 18.09 -11.61
C SER A 241 -0.91 17.97 -11.20
N PHE A 242 -1.15 18.43 -9.97
CA PHE A 242 -2.46 18.49 -9.31
C PHE A 242 -2.55 19.78 -8.51
N THR A 243 -3.80 20.24 -8.27
CA THR A 243 -4.04 21.43 -7.45
C THR A 243 -5.02 21.12 -6.29
N ALA A 244 -4.91 21.96 -5.24
CA ALA A 244 -5.84 21.91 -4.08
C ALA A 244 -6.09 23.31 -3.54
N SER A 245 -7.26 23.51 -2.92
CA SER A 245 -7.55 24.76 -2.18
C SER A 245 -7.18 24.70 -0.69
N SER A 246 -6.92 23.51 -0.16
CA SER A 246 -6.46 23.36 1.23
CA SER A 246 -6.51 23.32 1.24
C SER A 246 -5.58 22.11 1.29
N LEU A 247 -4.57 22.13 2.17
CA LEU A 247 -3.66 20.98 2.29
C LEU A 247 -4.32 19.70 2.77
N GLY A 248 -5.41 19.82 3.52
CA GLY A 248 -6.22 18.66 3.93
C GLY A 248 -7.35 18.28 2.98
N GLY A 249 -7.41 18.92 1.80
CA GLY A 249 -8.55 18.75 0.87
C GLY A 249 -8.25 17.84 -0.32
N THR A 250 -9.16 17.87 -1.28
CA THR A 250 -9.08 17.06 -2.50
C THR A 250 -8.05 17.60 -3.49
N TRP A 251 -7.32 16.70 -4.14
CA TRP A 251 -6.35 17.05 -5.22
C TRP A 251 -6.97 16.77 -6.59
N THR A 252 -6.99 17.79 -7.46
CA THR A 252 -7.62 17.72 -8.79
C THR A 252 -6.51 17.68 -9.87
N ALA A 253 -6.59 16.72 -10.78
CA ALA A 253 -5.60 16.62 -11.89
C ALA A 253 -5.54 17.91 -12.72
N GLN A 254 -4.30 18.33 -13.02
CA GLN A 254 -4.03 19.55 -13.83
C GLN A 254 -3.34 19.09 -15.13
N ALA A 255 -1.99 19.03 -15.17
CA ALA A 255 -1.28 18.58 -16.37
C ALA A 255 -0.99 17.09 -16.19
N SER A 256 -1.64 16.25 -16.96
CA SER A 256 -1.82 14.82 -16.60
C SER A 256 -1.24 13.79 -17.56
N THR A 257 -0.89 14.15 -18.78
CA THR A 257 -0.43 13.16 -19.76
C THR A 257 1.03 13.38 -20.14
N GLU A 258 1.68 12.34 -20.66
CA GLU A 258 3.07 12.48 -21.12
C GLU A 258 3.21 13.49 -22.25
N SER A 259 2.20 13.55 -23.15
CA SER A 259 2.22 14.46 -24.29
C SER A 259 1.98 15.94 -23.92
N ASN A 260 1.34 16.18 -22.77
CA ASN A 260 1.05 17.52 -22.26
C ASN A 260 1.26 17.53 -20.74
N PRO A 261 2.53 17.41 -20.32
CA PRO A 261 2.84 17.17 -18.90
C PRO A 261 3.08 18.47 -18.11
N PHE A 262 3.33 18.35 -16.80
CA PHE A 262 3.93 19.47 -16.07
C PHE A 262 5.34 19.78 -16.65
N ALA A 263 6.19 18.75 -16.70
CA ALA A 263 7.55 18.87 -17.28
C ALA A 263 8.00 17.48 -17.75
N GLY A 264 8.49 17.38 -18.99
CA GLY A 264 8.95 16.12 -19.59
C GLY A 264 9.61 16.38 -20.92
N LYS A 265 10.08 15.31 -21.59
CA LYS A 265 10.69 15.46 -22.91
C LYS A 265 9.78 16.25 -23.87
N ALA A 266 8.46 16.11 -23.77
CA ALA A 266 7.56 16.80 -24.72
C ALA A 266 7.61 18.33 -24.64
N ASN A 267 7.96 18.89 -23.49
CA ASN A 267 7.89 20.36 -23.29
C ASN A 267 9.06 21.00 -22.55
N SER A 268 10.15 20.27 -22.31
CA SER A 268 11.23 20.77 -21.45
C SER A 268 12.23 21.72 -22.14
N GLY A 269 12.37 21.58 -23.46
CA GLY A 269 13.45 22.24 -24.19
C GLY A 269 14.83 21.66 -23.92
N ALA A 270 14.89 20.51 -23.25
CA ALA A 270 16.17 19.84 -22.94
C ALA A 270 16.40 18.72 -23.94
N THR A 271 17.54 18.76 -24.62
CA THR A 271 17.92 17.70 -25.56
C THR A 271 19.07 16.84 -25.01
N TRP A 272 19.76 17.26 -23.95
CA TRP A 272 20.84 16.48 -23.35
C TRP A 272 20.33 15.24 -22.58
N THR A 273 19.06 15.29 -22.18
CA THR A 273 18.39 14.25 -21.38
C THR A 273 16.99 14.02 -21.94
N ASN A 274 16.53 12.75 -21.89
CA ASN A 274 15.12 12.42 -22.07
C ASN A 274 14.33 12.59 -20.74
N ASP A 275 14.90 12.08 -19.66
CA ASP A 275 14.31 12.13 -18.32
C ASP A 275 14.24 13.57 -17.78
N ILE A 276 13.10 13.91 -17.18
CA ILE A 276 12.99 15.03 -16.22
C ILE A 276 12.52 14.34 -14.91
N SER A 277 13.42 14.27 -13.90
CA SER A 277 13.24 13.37 -12.76
C SER A 277 13.56 14.11 -11.42
N SER A 278 13.28 13.40 -10.32
CA SER A 278 13.36 13.83 -8.90
C SER A 278 14.25 15.07 -8.61
N GLY A 279 13.59 16.16 -8.23
CA GLY A 279 14.27 17.40 -7.85
C GLY A 279 13.38 18.33 -7.04
N ASP A 280 13.42 19.63 -7.33
CA ASP A 280 12.67 20.65 -6.53
C ASP A 280 12.41 21.87 -7.42
N LEU A 281 11.18 22.40 -7.42
CA LEU A 281 10.95 23.75 -7.94
C LEU A 281 11.78 24.74 -7.12
N VAL A 282 12.12 25.89 -7.73
CA VAL A 282 12.89 26.94 -7.05
C VAL A 282 11.98 27.76 -6.12
N ARG A 283 12.29 27.70 -4.81
CA ARG A 283 11.64 28.44 -3.74
C ARG A 283 12.58 29.60 -3.34
N THR A 284 12.06 30.82 -3.35
CA THR A 284 12.82 32.00 -2.86
C THR A 284 12.70 32.17 -1.35
N ASN A 285 11.45 32.10 -0.83
CA ASN A 285 11.21 32.12 0.62
C ASN A 285 11.53 30.70 1.16
N PRO A 286 12.51 30.56 2.11
CA PRO A 286 12.92 29.22 2.55
C PRO A 286 12.04 28.57 3.63
N ASP A 287 10.95 29.23 4.04
CA ASP A 287 10.18 28.76 5.19
C ASP A 287 9.30 27.52 4.92
N GLN A 288 8.65 27.06 5.99
CA GLN A 288 7.89 25.80 5.96
C GLN A 288 6.65 25.79 5.07
N THR A 289 6.23 26.97 4.57
CA THR A 289 5.12 27.03 3.62
C THR A 289 5.52 26.56 2.20
N GLN A 290 6.81 26.36 1.93
CA GLN A 290 7.25 25.84 0.59
C GLN A 290 6.64 26.72 -0.53
N THR A 291 6.74 28.04 -0.38
CA THR A 291 6.11 28.96 -1.33
C THR A 291 6.92 29.10 -2.63
N ILE A 292 6.20 29.05 -3.76
CA ILE A 292 6.75 29.34 -5.09
C ILE A 292 6.10 30.63 -5.64
N ASP A 293 6.94 31.44 -6.29
CA ASP A 293 6.50 32.62 -7.06
C ASP A 293 6.12 32.13 -8.46
N ALA A 294 4.82 31.97 -8.75
CA ALA A 294 4.41 31.44 -10.06
C ALA A 294 4.64 32.42 -11.23
N CYS A 295 5.03 33.67 -10.95
CA CYS A 295 5.50 34.58 -12.01
C CYS A 295 6.89 34.21 -12.51
N ASN A 296 7.63 33.39 -11.74
CA ASN A 296 9.02 33.01 -12.06
C ASN A 296 9.25 31.51 -11.78
N LEU A 297 8.46 30.67 -12.44
CA LEU A 297 8.58 29.21 -12.26
C LEU A 297 9.91 28.71 -12.85
N GLN A 298 10.65 27.97 -12.02
CA GLN A 298 11.92 27.29 -12.41
C GLN A 298 11.99 25.95 -11.69
N PHE A 299 12.65 24.97 -12.34
CA PHE A 299 12.66 23.56 -11.83
C PHE A 299 14.11 23.04 -11.86
N LEU A 300 14.68 22.78 -10.67
CA LEU A 300 15.99 22.11 -10.54
C LEU A 300 15.72 20.59 -10.53
N TYR A 301 15.96 19.94 -11.67
CA TYR A 301 15.60 18.53 -11.90
C TYR A 301 16.87 17.67 -12.07
N GLN A 302 16.75 16.36 -11.87
CA GLN A 302 17.81 15.40 -12.25
C GLN A 302 17.53 14.87 -13.68
N GLY A 303 18.59 14.90 -14.50
CA GLY A 303 18.54 14.30 -15.84
C GLY A 303 19.74 13.38 -16.06
N ARG A 304 19.73 12.65 -17.19
CA ARG A 304 20.87 11.78 -17.53
C ARG A 304 21.08 11.79 -19.01
N SER A 305 22.35 11.64 -19.43
CA SER A 305 22.63 11.62 -20.87
C SER A 305 21.74 10.66 -21.65
N THR A 306 21.33 11.06 -22.85
CA THR A 306 20.53 10.20 -23.71
C THR A 306 21.26 8.91 -24.13
N SER A 307 22.59 8.89 -24.04
CA SER A 307 23.40 7.71 -24.35
C SER A 307 23.61 6.74 -23.16
N SER A 308 23.15 7.13 -21.96
CA SER A 308 23.30 6.29 -20.78
C SER A 308 22.34 5.10 -20.74
N GLY A 309 22.70 4.10 -19.94
CA GLY A 309 21.90 2.88 -19.83
C GLY A 309 22.46 1.95 -18.78
N GLY A 310 21.98 0.71 -18.79
CA GLY A 310 22.41 -0.32 -17.84
C GLY A 310 21.75 -0.27 -16.45
N ASP A 311 22.52 -0.60 -15.43
CA ASP A 311 22.02 -0.73 -14.05
C ASP A 311 21.45 0.62 -13.56
N TYR A 312 20.19 0.60 -13.12
CA TYR A 312 19.50 1.79 -12.61
C TYR A 312 20.30 2.52 -11.53
N ASN A 313 20.88 1.76 -10.58
CA ASN A 313 21.59 2.40 -9.45
C ASN A 313 22.91 3.08 -9.85
N LEU A 314 23.42 2.76 -11.05
CA LEU A 314 24.66 3.35 -11.57
C LEU A 314 24.40 4.43 -12.62
N LEU A 315 23.13 4.76 -12.92
CA LEU A 315 22.84 5.77 -13.95
C LEU A 315 23.44 7.13 -13.57
N PRO A 316 24.01 7.85 -14.56
CA PRO A 316 24.74 9.11 -14.27
C PRO A 316 23.80 10.33 -14.19
N TYR A 317 22.92 10.33 -13.18
CA TYR A 317 22.07 11.49 -12.93
C TYR A 317 22.91 12.72 -12.49
N GLN A 318 22.49 13.89 -12.98
CA GLN A 318 23.14 15.16 -12.68
C GLN A 318 22.10 16.30 -12.87
N PRO A 319 22.38 17.49 -12.27
CA PRO A 319 21.32 18.52 -12.23
C PRO A 319 21.21 19.34 -13.51
N GLY A 320 19.98 19.77 -13.80
CA GLY A 320 19.69 20.80 -14.82
C GLY A 320 18.63 21.75 -14.30
N LEU A 321 18.44 22.88 -14.99
CA LEU A 321 17.44 23.89 -14.58
C LEU A 321 16.51 24.27 -15.74
N LEU A 322 15.20 24.10 -15.54
CA LEU A 322 14.15 24.61 -16.44
C LEU A 322 13.70 26.00 -16.01
N THR A 323 13.41 26.87 -17.00
CA THR A 323 12.77 28.19 -16.77
C THR A 323 11.54 28.27 -17.70
N LEU A 324 10.39 28.75 -17.19
CA LEU A 324 9.17 28.78 -18.03
C LEU A 324 9.43 29.53 -19.36
N ALA A 325 8.85 29.02 -20.45
CA ALA A 325 8.94 29.66 -21.78
C ALA A 325 7.67 30.36 -22.15
N SER B 24 -2.81 0.98 -8.15
CA SER B 24 -4.25 1.08 -8.57
C SER B 24 -5.16 1.48 -7.42
N GLY B 25 -6.34 2.05 -7.73
CA GLY B 25 -7.34 2.41 -6.72
C GLY B 25 -8.79 2.60 -7.18
N CYS B 26 -9.42 1.54 -7.70
CA CYS B 26 -10.85 1.60 -8.04
C CYS B 26 -11.74 1.54 -6.77
N ALA B 27 -12.84 2.28 -6.80
CA ALA B 27 -13.89 2.14 -5.79
C ALA B 27 -14.55 0.77 -5.87
N LEU B 28 -15.11 0.26 -4.76
CA LEU B 28 -15.93 -0.93 -4.81
C LEU B 28 -17.12 -0.71 -5.77
N PRO B 29 -17.59 -1.79 -6.42
CA PRO B 29 -18.87 -1.71 -7.13
C PRO B 29 -20.03 -1.29 -6.21
N SER B 30 -21.05 -0.63 -6.77
CA SER B 30 -22.34 -0.49 -6.12
C SER B 30 -23.17 -1.78 -6.19
N THR B 31 -23.08 -2.49 -7.33
CA THR B 31 -23.87 -3.68 -7.67
CA THR B 31 -23.83 -3.71 -7.57
C THR B 31 -22.91 -4.73 -8.24
N TYR B 32 -23.08 -5.99 -7.83
CA TYR B 32 -22.17 -7.07 -8.24
C TYR B 32 -22.85 -8.02 -9.24
N LYS B 33 -22.08 -8.45 -10.25
CA LYS B 33 -22.42 -9.60 -11.09
C LYS B 33 -21.10 -10.20 -11.61
N TRP B 34 -21.12 -11.48 -11.97
CA TRP B 34 -19.90 -12.24 -12.25
C TRP B 34 -20.07 -13.21 -13.41
N THR B 35 -18.93 -13.68 -13.94
CA THR B 35 -18.85 -14.92 -14.71
C THR B 35 -18.05 -15.94 -13.88
N SER B 36 -18.18 -17.22 -14.23
CA SER B 36 -17.58 -18.32 -13.46
C SER B 36 -16.89 -19.36 -14.33
N THR B 37 -15.84 -19.95 -13.78
CA THR B 37 -15.30 -21.22 -14.28
C THR B 37 -16.23 -22.39 -13.86
N GLY B 38 -15.96 -23.57 -14.42
CA GLY B 38 -16.40 -24.84 -13.85
C GLY B 38 -15.52 -25.24 -12.67
N PRO B 39 -15.68 -26.48 -12.16
CA PRO B 39 -14.75 -26.94 -11.09
C PRO B 39 -13.30 -26.89 -11.53
N LEU B 40 -12.43 -26.36 -10.66
CA LEU B 40 -11.00 -26.21 -10.97
C LEU B 40 -10.11 -27.35 -10.47
N ALA B 41 -10.63 -28.13 -9.54
CA ALA B 41 -9.94 -29.28 -8.95
C ALA B 41 -10.95 -30.10 -8.18
N SER B 42 -10.60 -31.37 -7.92
CA SER B 42 -11.47 -32.28 -7.16
C SER B 42 -10.61 -33.08 -6.17
N PRO B 43 -11.21 -33.52 -5.04
CA PRO B 43 -10.42 -34.15 -3.98
C PRO B 43 -9.73 -35.45 -4.39
N LYS B 44 -8.47 -35.61 -3.98
CA LYS B 44 -7.72 -36.86 -4.22
C LYS B 44 -8.33 -38.06 -3.50
N SER B 45 -7.86 -39.27 -3.87
CA SER B 45 -8.32 -40.52 -3.26
CA SER B 45 -8.34 -40.51 -3.27
C SER B 45 -8.26 -40.47 -1.74
N GLY B 46 -9.33 -40.90 -1.10
CA GLY B 46 -9.47 -40.89 0.36
C GLY B 46 -10.15 -39.65 0.92
N LEU B 47 -10.37 -38.62 0.09
CA LEU B 47 -11.09 -37.40 0.47
C LEU B 47 -12.38 -37.28 -0.31
N VAL B 48 -13.38 -36.64 0.29
CA VAL B 48 -14.65 -36.32 -0.41
C VAL B 48 -14.86 -34.83 -0.69
N ALA B 49 -14.10 -33.94 -0.01
CA ALA B 49 -14.26 -32.50 -0.18
C ALA B 49 -12.96 -31.73 0.06
N LEU B 50 -12.85 -30.61 -0.67
CA LEU B 50 -11.85 -29.56 -0.44
C LEU B 50 -12.63 -28.29 -0.10
N ARG B 51 -12.32 -27.64 1.03
CA ARG B 51 -13.18 -26.59 1.60
C ARG B 51 -12.38 -25.37 2.09
N ASP B 52 -13.06 -24.22 2.22
CA ASP B 52 -12.56 -23.10 3.05
C ASP B 52 -11.17 -22.55 2.60
N TYR B 53 -11.04 -22.29 1.30
CA TYR B 53 -9.71 -21.91 0.76
C TYR B 53 -9.19 -20.59 1.33
N SER B 54 -7.86 -20.49 1.40
CA SER B 54 -7.14 -19.23 1.67
C SER B 54 -5.97 -19.18 0.66
N HIS B 55 -5.88 -18.07 -0.09
CA HIS B 55 -4.93 -17.94 -1.20
C HIS B 55 -3.99 -16.74 -1.03
N VAL B 56 -2.72 -16.94 -1.39
CA VAL B 56 -1.73 -15.86 -1.52
C VAL B 56 -0.90 -16.09 -2.79
N ILE B 57 -0.33 -15.00 -3.32
CA ILE B 57 0.75 -15.09 -4.33
C ILE B 57 2.08 -15.25 -3.59
N TYR B 58 2.81 -16.29 -3.97
CA TYR B 58 4.13 -16.64 -3.41
C TYR B 58 5.11 -16.78 -4.60
N ASN B 59 6.09 -15.87 -4.67
CA ASN B 59 7.05 -15.79 -5.81
C ASN B 59 6.35 -15.95 -7.18
N GLY B 60 5.33 -15.14 -7.39
CA GLY B 60 4.61 -15.09 -8.66
C GLY B 60 3.63 -16.21 -8.94
N GLN B 61 3.49 -17.17 -7.99
CA GLN B 61 2.61 -18.32 -8.18
C GLN B 61 1.48 -18.35 -7.14
N HIS B 62 0.41 -19.07 -7.48
CA HIS B 62 -0.73 -19.27 -6.59
C HIS B 62 -0.39 -20.32 -5.53
N LEU B 63 -0.52 -19.93 -4.23
CA LEU B 63 -0.36 -20.79 -3.07
C LEU B 63 -1.71 -20.85 -2.32
N VAL B 64 -2.35 -22.02 -2.34
CA VAL B 64 -3.70 -22.21 -1.77
C VAL B 64 -3.64 -23.27 -0.66
N TYR B 65 -4.11 -22.89 0.54
CA TYR B 65 -4.38 -23.81 1.67
C TYR B 65 -5.90 -24.01 1.78
N GLY B 66 -6.32 -25.13 2.37
CA GLY B 66 -7.75 -25.36 2.65
C GLY B 66 -7.98 -26.51 3.60
N SER B 67 -9.24 -26.64 4.01
CA SER B 67 -9.70 -27.82 4.74
C SER B 67 -9.96 -29.01 3.82
N THR B 68 -10.04 -30.19 4.45
CA THR B 68 -10.45 -31.44 3.80
C THR B 68 -11.59 -32.07 4.61
N ALA B 69 -12.44 -32.84 3.94
CA ALA B 69 -13.32 -33.83 4.60
C ALA B 69 -12.99 -35.19 3.98
N ASN B 70 -12.78 -36.20 4.82
CA ASN B 70 -12.43 -37.56 4.35
C ASN B 70 -13.67 -38.44 4.12
N THR B 71 -13.44 -39.69 3.73
CA THR B 71 -14.56 -40.59 3.40
C THR B 71 -15.45 -40.89 4.61
N ALA B 72 -14.96 -40.67 5.83
CA ALA B 72 -15.79 -40.75 7.05
C ALA B 72 -16.46 -39.44 7.48
N GLY B 73 -16.26 -38.34 6.74
CA GLY B 73 -16.80 -37.04 7.15
C GLY B 73 -16.00 -36.30 8.22
N SER B 74 -14.76 -36.71 8.44
CA SER B 74 -13.88 -36.07 9.43
C SER B 74 -13.01 -35.00 8.75
N TYR B 75 -12.71 -33.92 9.48
CA TYR B 75 -12.05 -32.73 8.90
C TYR B 75 -10.53 -32.67 9.18
N GLY B 76 -9.77 -32.28 8.15
CA GLY B 76 -8.32 -32.05 8.24
C GLY B 76 -7.95 -30.86 7.34
N SER B 77 -6.71 -30.81 6.88
CA SER B 77 -6.25 -29.69 6.02
C SER B 77 -5.12 -30.13 5.07
N MET B 78 -4.81 -29.22 4.12
CA MET B 78 -3.91 -29.51 3.00
C MET B 78 -3.44 -28.19 2.37
N ASN B 79 -2.41 -28.28 1.53
CA ASN B 79 -2.19 -27.25 0.50
C ASN B 79 -2.11 -27.90 -0.88
N PHE B 80 -2.19 -27.04 -1.89
CA PHE B 80 -1.93 -27.43 -3.28
C PHE B 80 -0.46 -27.09 -3.65
N GLY B 81 0.15 -27.90 -4.53
CA GLY B 81 1.43 -27.51 -5.14
C GLY B 81 1.32 -26.15 -5.84
N LEU B 82 2.40 -25.39 -5.83
CA LEU B 82 2.42 -24.05 -6.48
C LEU B 82 2.08 -24.15 -7.97
N PHE B 83 1.27 -23.22 -8.49
CA PHE B 83 0.87 -23.20 -9.92
C PHE B 83 0.73 -21.78 -10.43
N SER B 84 1.03 -21.52 -11.70
CA SER B 84 1.00 -20.16 -12.26
C SER B 84 -0.38 -19.69 -12.76
N ASP B 85 -1.13 -20.57 -13.43
CA ASP B 85 -2.40 -20.24 -14.07
C ASP B 85 -3.52 -21.11 -13.46
N TRP B 86 -4.74 -20.55 -13.32
CA TRP B 86 -5.87 -21.31 -12.76
C TRP B 86 -6.19 -22.62 -13.48
N SER B 87 -5.92 -22.67 -14.80
CA SER B 87 -6.09 -23.88 -15.59
C SER B 87 -5.18 -25.07 -15.15
N GLU B 88 -4.13 -24.78 -14.36
CA GLU B 88 -3.18 -25.79 -13.86
C GLU B 88 -3.60 -26.38 -12.48
N MET B 89 -4.62 -25.80 -11.83
CA MET B 89 -5.00 -26.23 -10.47
C MET B 89 -5.41 -27.71 -10.40
N SER B 90 -6.02 -28.23 -11.47
CA SER B 90 -6.54 -29.62 -11.44
C SER B 90 -5.43 -30.67 -11.39
N SER B 91 -4.23 -30.30 -11.88
CA SER B 91 -3.08 -31.22 -11.85
C SER B 91 -2.07 -30.92 -10.75
N ALA B 92 -2.35 -29.92 -9.91
CA ALA B 92 -1.45 -29.58 -8.81
C ALA B 92 -1.50 -30.67 -7.72
N SER B 93 -0.36 -30.93 -7.08
CA SER B 93 -0.32 -31.90 -5.97
C SER B 93 -1.27 -31.46 -4.84
N GLN B 94 -1.84 -32.44 -4.15
CA GLN B 94 -2.66 -32.18 -2.95
C GLN B 94 -1.95 -32.81 -1.74
N ASN B 95 -1.42 -31.92 -0.89
CA ASN B 95 -0.45 -32.29 0.15
C ASN B 95 -1.10 -32.21 1.55
N THR B 96 -1.33 -33.38 2.13
CA THR B 96 -1.99 -33.53 3.44
C THR B 96 -1.11 -32.99 4.58
N MET B 97 -1.70 -32.23 5.51
CA MET B 97 -1.00 -31.79 6.73
C MET B 97 -1.07 -32.88 7.82
N SER B 98 0.08 -33.17 8.42
CA SER B 98 0.21 -34.20 9.45
C SER B 98 -0.60 -33.91 10.73
N THR B 99 -0.69 -32.62 11.09
CA THR B 99 -1.63 -32.18 12.15
C THR B 99 -2.57 -31.13 11.50
N GLY B 100 -3.88 -31.33 11.70
CA GLY B 100 -4.87 -30.52 11.00
C GLY B 100 -4.88 -29.05 11.38
N ALA B 101 -5.11 -28.20 10.38
CA ALA B 101 -5.30 -26.73 10.50
C ALA B 101 -6.60 -26.35 9.75
N VAL B 102 -7.75 -26.71 10.34
CA VAL B 102 -9.04 -26.57 9.67
C VAL B 102 -9.46 -25.08 9.52
N ALA B 103 -10.02 -24.78 8.35
CA ALA B 103 -10.51 -23.45 7.98
C ALA B 103 -9.38 -22.40 8.13
N PRO B 104 -8.29 -22.62 7.36
CA PRO B 104 -7.09 -21.81 7.58
C PRO B 104 -7.13 -20.38 7.01
N THR B 105 -6.31 -19.49 7.58
CA THR B 105 -5.98 -18.18 6.98
C THR B 105 -4.46 -18.12 6.81
N ILE B 106 -3.98 -17.87 5.59
CA ILE B 106 -2.54 -17.63 5.35
C ILE B 106 -2.27 -16.17 4.94
N PHE B 107 -1.23 -15.57 5.53
CA PHE B 107 -0.73 -14.26 5.14
C PHE B 107 0.74 -14.12 5.54
N TYR B 108 1.41 -13.12 4.95
CA TYR B 108 2.81 -12.74 5.31
C TYR B 108 2.76 -11.59 6.32
N PHE B 109 3.32 -11.79 7.52
CA PHE B 109 3.39 -10.72 8.53
C PHE B 109 4.70 -9.93 8.33
N ALA B 110 4.60 -8.86 7.54
CA ALA B 110 5.80 -8.14 7.08
C ALA B 110 6.70 -7.57 8.19
N PRO B 111 6.12 -7.04 9.30
CA PRO B 111 7.02 -6.41 10.31
C PRO B 111 8.01 -7.37 10.97
N LYS B 112 7.70 -8.66 11.00
CA LYS B 112 8.60 -9.69 11.56
C LYS B 112 9.06 -10.75 10.52
N SER B 113 8.91 -10.41 9.23
CA SER B 113 9.43 -11.19 8.11
C SER B 113 9.08 -12.70 8.21
N VAL B 114 7.82 -13.00 8.54
CA VAL B 114 7.41 -14.39 8.76
C VAL B 114 5.99 -14.65 8.21
N TRP B 115 5.78 -15.83 7.65
CA TRP B 115 4.42 -16.26 7.24
C TRP B 115 3.65 -16.85 8.43
N ILE B 116 2.31 -16.66 8.41
CA ILE B 116 1.39 -17.07 9.47
C ILE B 116 0.29 -17.97 8.86
N LEU B 117 -0.03 -19.05 9.60
CA LEU B 117 -1.18 -19.94 9.29
C LEU B 117 -2.07 -20.00 10.55
N ALA B 118 -3.27 -19.41 10.49
CA ALA B 118 -4.25 -19.37 11.60
C ALA B 118 -5.35 -20.40 11.33
N TYR B 119 -5.96 -20.97 12.40
CA TYR B 119 -6.93 -22.05 12.20
C TYR B 119 -7.73 -22.40 13.48
N GLN B 120 -8.81 -23.17 13.26
CA GLN B 120 -9.71 -23.65 14.33
C GLN B 120 -9.52 -25.13 14.62
N TRP B 121 -10.13 -25.59 15.74
CA TRP B 121 -10.23 -27.03 16.10
C TRP B 121 -8.87 -27.68 16.45
N GLY B 122 -7.86 -26.85 16.72
CA GLY B 122 -6.55 -27.28 17.25
C GLY B 122 -6.53 -27.16 18.79
N PRO B 123 -5.33 -26.98 19.36
CA PRO B 123 -5.21 -27.00 20.83
C PRO B 123 -5.78 -25.76 21.57
N TYR B 124 -6.05 -24.67 20.83
CA TYR B 124 -6.63 -23.45 21.34
C TYR B 124 -7.88 -23.07 20.52
N ALA B 125 -8.75 -22.21 21.07
CA ALA B 125 -9.99 -21.79 20.36
C ALA B 125 -9.65 -21.34 18.94
N PHE B 126 -8.66 -20.45 18.80
CA PHE B 126 -7.94 -20.30 17.52
C PHE B 126 -6.44 -20.40 17.81
N SER B 127 -5.72 -21.01 16.87
CA SER B 127 -4.27 -21.26 16.95
C SER B 127 -3.55 -20.63 15.75
N TYR B 128 -2.23 -20.44 15.85
CA TYR B 128 -1.42 -20.12 14.68
C TYR B 128 -0.07 -20.85 14.71
N ARG B 129 0.52 -20.99 13.52
N ARG B 129 0.52 -20.98 13.51
CA ARG B 129 1.91 -21.45 13.34
CA ARG B 129 1.89 -21.45 13.34
C ARG B 129 2.64 -20.46 12.45
C ARG B 129 2.63 -20.45 12.43
N THR B 130 3.96 -20.50 12.47
CA THR B 130 4.82 -19.61 11.68
C THR B 130 5.72 -20.42 10.72
N SER B 131 6.17 -19.77 9.64
CA SER B 131 7.07 -20.43 8.67
C SER B 131 7.83 -19.42 7.84
N THR B 132 9.05 -19.81 7.42
CA THR B 132 9.78 -19.13 6.34
C THR B 132 9.74 -19.92 5.00
N ASP B 133 9.02 -21.06 4.98
CA ASP B 133 8.91 -21.98 3.83
C ASP B 133 7.43 -22.39 3.63
N PRO B 134 6.53 -21.40 3.35
CA PRO B 134 5.08 -21.68 3.42
C PRO B 134 4.53 -22.61 2.33
N SER B 135 5.30 -22.85 1.27
CA SER B 135 4.86 -23.82 0.26
C SER B 135 4.91 -25.27 0.78
N ASN B 136 5.64 -25.52 1.87
CA ASN B 136 5.73 -26.87 2.48
C ASN B 136 4.59 -27.01 3.51
N ALA B 137 3.62 -27.86 3.20
CA ALA B 137 2.45 -28.07 4.09
C ALA B 137 2.82 -28.47 5.51
N ASN B 138 3.98 -29.11 5.66
CA ASN B 138 4.42 -29.64 6.97
C ASN B 138 5.68 -28.95 7.49
N GLY B 139 5.95 -27.71 7.02
CA GLY B 139 7.13 -26.94 7.44
C GLY B 139 6.90 -25.88 8.52
N TRP B 140 5.71 -25.91 9.13
CA TRP B 140 5.28 -24.91 10.09
C TRP B 140 5.79 -25.19 11.52
N SER B 141 5.97 -24.14 12.30
CA SER B 141 6.35 -24.23 13.71
C SER B 141 5.28 -24.90 14.56
N SER B 142 5.62 -25.18 15.82
CA SER B 142 4.64 -25.70 16.78
C SER B 142 3.46 -24.69 16.96
N PRO B 143 2.25 -25.20 17.22
CA PRO B 143 1.08 -24.32 17.44
C PRO B 143 1.22 -23.40 18.65
N GLN B 144 0.72 -22.16 18.49
CA GLN B 144 0.73 -21.09 19.51
C GLN B 144 -0.73 -20.58 19.65
N PRO B 145 -1.09 -20.03 20.83
CA PRO B 145 -2.44 -19.48 20.99
C PRO B 145 -2.64 -18.17 20.21
N LEU B 146 -3.73 -18.13 19.43
CA LEU B 146 -4.21 -16.91 18.76
C LEU B 146 -5.39 -16.27 19.55
N PHE B 147 -6.23 -17.14 20.15
CA PHE B 147 -7.45 -16.68 20.86
C PHE B 147 -7.83 -17.81 21.82
N THR B 148 -8.20 -17.46 23.05
CA THR B 148 -8.51 -18.45 24.09
C THR B 148 -9.90 -18.25 24.74
N GLY B 149 -10.77 -17.49 24.10
CA GLY B 149 -12.12 -17.25 24.62
C GLY B 149 -13.21 -18.19 24.10
N THR B 150 -14.42 -18.00 24.62
CA THR B 150 -15.64 -18.71 24.23
C THR B 150 -16.76 -17.67 23.91
N ILE B 151 -17.85 -18.14 23.32
CA ILE B 151 -19.03 -17.33 23.02
C ILE B 151 -20.30 -18.03 23.53
N SER B 152 -21.31 -17.23 23.82
CA SER B 152 -22.59 -17.76 24.28
C SER B 152 -23.56 -17.91 23.08
N GLY B 153 -24.60 -18.71 23.29
CA GLY B 153 -25.63 -18.90 22.29
C GLY B 153 -25.22 -19.31 20.92
N SER B 154 -24.37 -20.35 20.86
CA SER B 154 -23.83 -20.94 19.62
C SER B 154 -23.78 -22.46 19.70
N SER B 155 -24.26 -23.13 18.64
N SER B 155 -24.30 -23.16 18.69
CA SER B 155 -24.28 -24.59 18.59
CA SER B 155 -24.22 -24.62 18.64
C SER B 155 -22.91 -25.20 18.19
C SER B 155 -22.77 -25.08 18.47
N THR B 156 -22.03 -24.38 17.62
CA THR B 156 -20.69 -24.79 17.20
C THR B 156 -19.55 -24.27 18.06
N GLY B 157 -19.77 -23.15 18.76
CA GLY B 157 -18.64 -22.39 19.28
C GLY B 157 -17.97 -21.54 18.18
N VAL B 158 -16.84 -20.93 18.52
CA VAL B 158 -16.15 -20.01 17.59
C VAL B 158 -15.77 -20.76 16.29
N ILE B 159 -15.91 -20.07 15.15
CA ILE B 159 -15.68 -20.73 13.84
C ILE B 159 -15.19 -19.67 12.83
N ASP B 160 -14.38 -20.11 11.84
CA ASP B 160 -14.08 -19.28 10.66
C ASP B 160 -13.40 -17.94 10.94
N GLN B 161 -12.23 -18.00 11.59
CA GLN B 161 -11.47 -16.77 11.81
C GLN B 161 -10.93 -16.15 10.49
N THR B 162 -10.68 -14.84 10.56
CA THR B 162 -9.69 -14.19 9.70
C THR B 162 -8.90 -13.19 10.56
N VAL B 163 -7.75 -12.75 10.02
CA VAL B 163 -6.83 -11.83 10.70
C VAL B 163 -6.45 -10.72 9.71
N ILE B 164 -6.47 -9.45 10.13
CA ILE B 164 -6.20 -8.30 9.24
C ILE B 164 -5.60 -7.17 10.05
N GLY B 165 -4.62 -6.47 9.48
CA GLY B 165 -4.01 -5.29 10.11
C GLY B 165 -4.15 -3.99 9.34
N ASP B 166 -4.04 -2.89 10.07
CA ASP B 166 -3.78 -1.54 9.52
C ASP B 166 -2.42 -1.10 10.09
N SER B 167 -2.08 0.18 9.95
N SER B 167 -2.10 0.18 9.92
CA SER B 167 -0.77 0.65 10.41
CA SER B 167 -0.81 0.71 10.39
C SER B 167 -0.62 0.67 11.93
C SER B 167 -0.64 0.65 11.91
N GLU B 168 -1.75 0.61 12.66
CA GLU B 168 -1.77 0.74 14.12
C GLU B 168 -1.97 -0.60 14.86
N ASN B 169 -2.96 -1.39 14.40
CA ASN B 169 -3.43 -2.58 15.15
C ASN B 169 -3.61 -3.79 14.23
N MET B 170 -3.52 -4.98 14.83
CA MET B 170 -4.02 -6.23 14.25
C MET B 170 -5.40 -6.54 14.81
N TYR B 171 -6.25 -7.16 13.96
CA TYR B 171 -7.64 -7.49 14.29
C TYR B 171 -7.92 -8.95 13.96
N LEU B 172 -8.75 -9.57 14.81
CA LEU B 172 -9.30 -10.91 14.64
C LEU B 172 -10.80 -10.77 14.43
N PHE B 173 -11.36 -11.36 13.36
CA PHE B 173 -12.82 -11.41 13.17
C PHE B 173 -13.22 -12.89 13.04
N PHE B 174 -14.40 -13.26 13.54
CA PHE B 174 -14.87 -14.65 13.46
C PHE B 174 -16.40 -14.72 13.61
N ALA B 175 -16.94 -15.92 13.40
CA ALA B 175 -18.39 -16.17 13.42
C ALA B 175 -18.75 -17.24 14.48
N GLY B 176 -20.05 -17.60 14.53
CA GLY B 176 -20.51 -18.62 15.49
C GLY B 176 -21.70 -19.45 15.03
N ASP B 177 -22.00 -19.49 13.72
CA ASP B 177 -23.21 -20.22 13.25
C ASP B 177 -24.46 -19.74 14.00
N ASN B 178 -24.51 -18.43 14.30
CA ASN B 178 -25.52 -17.92 15.26
C ASN B 178 -25.97 -16.49 15.00
N GLY B 179 -25.72 -15.94 13.79
CA GLY B 179 -26.17 -14.58 13.49
C GLY B 179 -25.32 -13.44 14.00
N HIS B 180 -24.11 -13.74 14.51
CA HIS B 180 -23.19 -12.71 14.96
C HIS B 180 -21.83 -12.76 14.24
N ILE B 181 -21.22 -11.57 14.12
CA ILE B 181 -19.78 -11.45 13.81
C ILE B 181 -19.09 -10.78 15.01
N TYR B 182 -17.95 -11.37 15.38
CA TYR B 182 -17.14 -11.01 16.56
C TYR B 182 -15.79 -10.41 16.16
N ARG B 183 -15.25 -9.55 17.02
CA ARG B 183 -13.94 -8.87 16.84
C ARG B 183 -13.09 -8.89 18.12
N ALA B 184 -11.78 -9.04 17.94
CA ALA B 184 -10.78 -8.74 18.98
C ALA B 184 -9.63 -7.94 18.33
N SER B 185 -8.80 -7.27 19.14
CA SER B 185 -7.68 -6.49 18.56
C SER B 185 -6.48 -6.42 19.51
N MET B 186 -5.32 -6.11 18.93
N MET B 186 -5.30 -6.13 18.96
CA MET B 186 -4.07 -5.87 19.68
CA MET B 186 -4.10 -5.85 19.76
C MET B 186 -3.19 -4.85 18.92
C MET B 186 -3.20 -4.90 18.94
N PRO B 187 -2.28 -4.16 19.61
CA PRO B 187 -1.30 -3.31 18.88
C PRO B 187 -0.44 -4.13 17.90
N ILE B 188 -0.14 -3.56 16.72
CA ILE B 188 0.64 -4.31 15.72
C ILE B 188 2.01 -4.75 16.24
N GLY B 189 2.63 -3.96 17.11
CA GLY B 189 3.94 -4.28 17.68
C GLY B 189 3.94 -5.47 18.63
N ASP B 190 2.75 -5.90 19.09
CA ASP B 190 2.62 -7.07 19.97
C ASP B 190 2.48 -8.39 19.18
N PHE B 191 2.24 -8.31 17.86
CA PHE B 191 2.01 -9.52 17.05
C PHE B 191 3.33 -10.02 16.43
N PRO B 192 3.56 -11.34 16.25
CA PRO B 192 2.70 -12.47 16.61
C PRO B 192 2.52 -12.69 18.12
N GLY B 193 1.29 -12.98 18.50
CA GLY B 193 0.93 -13.27 19.89
C GLY B 193 -0.56 -13.54 19.98
N SER B 194 -1.06 -13.80 21.20
CA SER B 194 -2.48 -14.04 21.45
C SER B 194 -3.29 -12.75 21.53
N PHE B 195 -4.48 -12.77 20.94
CA PHE B 195 -5.49 -11.71 21.10
C PHE B 195 -6.17 -11.71 22.49
N GLY B 196 -5.97 -12.77 23.28
CA GLY B 196 -6.67 -12.90 24.58
C GLY B 196 -7.95 -13.70 24.47
N SER B 197 -8.88 -13.46 25.39
CA SER B 197 -10.14 -14.23 25.49
C SER B 197 -11.41 -13.40 25.32
N ALA B 198 -11.35 -12.07 25.47
CA ALA B 198 -12.53 -11.23 25.26
C ALA B 198 -12.80 -11.01 23.76
N SER B 199 -14.08 -10.85 23.42
CA SER B 199 -14.45 -10.44 22.05
C SER B 199 -15.66 -9.48 22.14
N THR B 200 -15.86 -8.74 21.06
CA THR B 200 -16.93 -7.73 20.96
C THR B 200 -17.79 -8.08 19.75
N ILE B 201 -19.13 -8.03 19.90
CA ILE B 201 -20.06 -8.31 18.79
C ILE B 201 -20.19 -7.02 17.95
N VAL B 202 -19.87 -7.14 16.65
CA VAL B 202 -19.96 -5.99 15.72
C VAL B 202 -21.18 -6.04 14.79
N LEU B 203 -21.78 -7.22 14.58
CA LEU B 203 -23.01 -7.36 13.75
C LEU B 203 -23.91 -8.42 14.37
N SER B 204 -25.22 -8.19 14.29
CA SER B 204 -26.24 -9.15 14.76
C SER B 204 -27.43 -9.21 13.83
N ASP B 205 -27.85 -10.42 13.45
CA ASP B 205 -29.01 -10.65 12.57
C ASP B 205 -29.51 -12.06 12.84
N SER B 206 -30.47 -12.54 12.06
CA SER B 206 -30.90 -13.96 12.13
C SER B 206 -29.72 -14.88 11.86
N THR B 207 -29.77 -16.07 12.45
CA THR B 207 -28.76 -17.11 12.20
C THR B 207 -28.51 -17.33 10.69
N ASN B 208 -29.58 -17.46 9.90
CA ASN B 208 -29.39 -17.70 8.45
C ASN B 208 -28.81 -16.52 7.68
N ASN B 209 -29.01 -15.29 8.17
CA ASN B 209 -28.50 -14.08 7.48
C ASN B 209 -27.01 -13.79 7.72
N LEU B 210 -26.47 -14.22 8.85
CA LEU B 210 -25.03 -14.00 9.19
C LEU B 210 -24.50 -15.30 9.79
N PHE B 211 -24.23 -16.27 8.91
CA PHE B 211 -24.03 -17.64 9.37
C PHE B 211 -22.55 -17.93 9.69
N GLU B 212 -21.67 -17.83 8.69
CA GLU B 212 -20.27 -18.25 8.91
C GLU B 212 -19.35 -17.71 7.80
N ALA B 213 -18.08 -18.16 7.81
CA ALA B 213 -17.15 -17.95 6.68
C ALA B 213 -16.92 -16.45 6.39
N VAL B 214 -16.79 -15.67 7.46
CA VAL B 214 -16.50 -14.24 7.35
C VAL B 214 -15.08 -14.02 6.76
N GLU B 215 -14.95 -12.99 5.90
CA GLU B 215 -13.64 -12.54 5.40
C GLU B 215 -13.64 -11.00 5.43
N VAL B 216 -12.46 -10.42 5.67
CA VAL B 216 -12.27 -8.97 5.78
C VAL B 216 -11.04 -8.57 4.96
N TYR B 217 -11.16 -7.47 4.21
CA TYR B 217 -10.14 -7.01 3.25
C TYR B 217 -9.97 -5.50 3.30
N THR B 218 -8.76 -5.04 2.96
CA THR B 218 -8.51 -3.60 2.70
C THR B 218 -8.81 -3.33 1.23
N VAL B 219 -9.65 -2.32 0.93
CA VAL B 219 -9.94 -1.94 -0.45
C VAL B 219 -8.82 -1.03 -0.96
N GLU B 220 -8.00 -1.52 -1.90
CA GLU B 220 -6.78 -0.82 -2.31
C GLU B 220 -7.06 0.63 -2.72
N GLY B 221 -6.33 1.56 -2.11
CA GLY B 221 -6.40 2.98 -2.47
C GLY B 221 -7.57 3.77 -1.94
N GLN B 222 -8.51 3.15 -1.22
CA GLN B 222 -9.82 3.79 -0.93
C GLN B 222 -10.01 4.26 0.51
N ASN B 223 -9.08 3.96 1.40
CA ASN B 223 -9.27 4.23 2.86
C ASN B 223 -10.59 3.60 3.36
N GLN B 224 -10.78 2.33 2.99
CA GLN B 224 -12.06 1.61 3.21
C GLN B 224 -11.77 0.12 3.33
N TYR B 225 -12.66 -0.58 4.03
CA TYR B 225 -12.57 -2.02 4.27
C TYR B 225 -13.87 -2.71 3.86
N LEU B 226 -13.74 -3.95 3.35
CA LEU B 226 -14.85 -4.79 2.87
C LEU B 226 -14.94 -6.06 3.72
N MET B 227 -16.15 -6.35 4.25
CA MET B 227 -16.44 -7.63 4.92
C MET B 227 -17.46 -8.39 4.11
N ILE B 228 -17.23 -9.69 3.92
CA ILE B 228 -18.23 -10.60 3.33
C ILE B 228 -18.56 -11.70 4.34
N VAL B 229 -19.83 -12.14 4.34
CA VAL B 229 -20.34 -13.15 5.29
C VAL B 229 -21.22 -14.14 4.52
N GLU B 230 -21.04 -15.45 4.78
CA GLU B 230 -21.89 -16.49 4.18
C GLU B 230 -23.25 -16.57 4.92
N ALA B 231 -24.30 -16.64 4.08
CA ALA B 231 -25.71 -16.75 4.50
C ALA B 231 -26.36 -17.99 3.83
N ILE B 232 -27.47 -18.44 4.45
CA ILE B 232 -28.27 -19.57 3.94
C ILE B 232 -29.52 -19.00 3.26
N GLY B 233 -29.62 -19.20 1.95
CA GLY B 233 -30.74 -18.72 1.14
C GLY B 233 -31.74 -19.82 0.77
N ALA B 234 -32.83 -19.43 0.12
CA ALA B 234 -33.79 -20.39 -0.43
C ALA B 234 -33.20 -21.30 -1.51
N ASN B 235 -32.22 -20.75 -2.27
CA ASN B 235 -31.69 -21.45 -3.45
C ASN B 235 -30.26 -21.94 -3.28
N GLY B 236 -29.68 -21.72 -2.09
CA GLY B 236 -28.31 -22.12 -1.82
C GLY B 236 -27.60 -21.17 -0.87
N ARG B 237 -26.34 -21.51 -0.59
CA ARG B 237 -25.44 -20.62 0.14
C ARG B 237 -25.07 -19.43 -0.75
N TYR B 238 -24.96 -18.26 -0.11
CA TYR B 238 -24.58 -17.01 -0.83
C TYR B 238 -23.87 -16.07 0.15
N PHE B 239 -23.28 -14.98 -0.37
CA PHE B 239 -22.59 -13.99 0.46
C PHE B 239 -23.28 -12.62 0.44
N ARG B 240 -23.30 -12.00 1.64
CA ARG B 240 -23.69 -10.60 1.86
CA ARG B 240 -23.68 -10.59 1.87
C ARG B 240 -22.41 -9.78 2.14
N SER B 241 -22.45 -8.47 1.89
CA SER B 241 -21.29 -7.59 2.15
C SER B 241 -21.62 -6.38 3.01
N PHE B 242 -20.57 -5.86 3.66
CA PHE B 242 -20.56 -4.69 4.56
C PHE B 242 -19.30 -3.86 4.29
N THR B 243 -19.35 -2.56 4.60
CA THR B 243 -18.19 -1.68 4.51
C THR B 243 -17.90 -0.94 5.83
N ALA B 244 -16.64 -0.53 5.99
CA ALA B 244 -16.21 0.29 7.14
C ALA B 244 -15.15 1.31 6.70
N SER B 245 -15.11 2.44 7.41
CA SER B 245 -14.02 3.41 7.27
C SER B 245 -12.86 3.18 8.28
N SER B 246 -13.08 2.37 9.31
N SER B 246 -13.09 2.37 9.31
CA SER B 246 -11.98 1.94 10.19
CA SER B 246 -12.07 1.99 10.31
C SER B 246 -12.27 0.53 10.66
C SER B 246 -12.28 0.53 10.71
N LEU B 247 -11.22 -0.28 10.74
CA LEU B 247 -11.36 -1.69 11.19
C LEU B 247 -11.89 -1.81 12.62
N GLY B 248 -11.62 -0.79 13.44
CA GLY B 248 -12.12 -0.72 14.82
C GLY B 248 -13.47 -0.06 14.99
N GLY B 249 -14.14 0.29 13.89
CA GLY B 249 -15.40 1.04 13.91
C GLY B 249 -16.62 0.25 13.43
N THR B 250 -17.65 0.99 13.02
N THR B 250 -17.62 1.02 13.01
CA THR B 250 -18.94 0.38 12.68
CA THR B 250 -18.94 0.50 12.59
C THR B 250 -18.95 -0.12 11.22
C THR B 250 -18.99 -0.08 11.18
N TRP B 251 -19.66 -1.23 11.02
CA TRP B 251 -19.86 -1.90 9.71
C TRP B 251 -21.27 -1.59 9.19
N THR B 252 -21.36 -1.12 7.94
CA THR B 252 -22.63 -0.73 7.29
C THR B 252 -22.99 -1.70 6.18
N ALA B 253 -24.22 -2.20 6.15
CA ALA B 253 -24.67 -3.13 5.09
C ALA B 253 -24.49 -2.53 3.69
N GLN B 254 -24.00 -3.37 2.77
CA GLN B 254 -23.91 -3.06 1.33
C GLN B 254 -24.86 -3.97 0.54
N ALA B 255 -24.40 -5.14 0.07
CA ALA B 255 -25.28 -6.09 -0.65
C ALA B 255 -25.92 -7.00 0.39
N SER B 256 -27.24 -6.94 0.50
CA SER B 256 -27.96 -7.44 1.68
CA SER B 256 -27.94 -7.45 1.70
CA SER B 256 -27.95 -7.43 1.69
CA SER B 256 -27.92 -7.47 1.70
C SER B 256 -29.10 -8.42 1.44
N THR B 257 -29.31 -8.85 0.20
CA THR B 257 -30.40 -9.81 -0.09
C THR B 257 -29.92 -10.93 -0.99
N GLU B 258 -30.61 -12.08 -0.97
CA GLU B 258 -30.30 -13.20 -1.86
C GLU B 258 -30.46 -12.81 -3.33
N SER B 259 -31.48 -12.00 -3.64
CA SER B 259 -31.75 -11.60 -5.04
C SER B 259 -30.76 -10.55 -5.61
N ASN B 260 -30.10 -9.80 -4.71
CA ASN B 260 -29.07 -8.81 -5.09
C ASN B 260 -27.90 -8.94 -4.08
N PRO B 261 -27.16 -10.06 -4.19
CA PRO B 261 -26.14 -10.40 -3.20
C PRO B 261 -24.75 -9.86 -3.55
N PHE B 262 -23.77 -10.09 -2.67
CA PHE B 262 -22.37 -9.93 -3.07
C PHE B 262 -22.05 -11.00 -4.15
N ALA B 263 -22.33 -12.27 -3.83
CA ALA B 263 -22.15 -13.39 -4.78
C ALA B 263 -23.08 -14.54 -4.39
N GLY B 264 -23.82 -15.08 -5.37
CA GLY B 264 -24.76 -16.17 -5.15
C GLY B 264 -25.32 -16.66 -6.47
N LYS B 265 -26.21 -17.65 -6.43
CA LYS B 265 -26.84 -18.16 -7.64
C LYS B 265 -27.45 -17.04 -8.49
N ALA B 266 -27.99 -15.99 -7.86
CA ALA B 266 -28.67 -14.92 -8.62
C ALA B 266 -27.74 -14.16 -9.57
N ASN B 267 -26.43 -14.08 -9.25
CA ASN B 267 -25.50 -13.23 -10.00
C ASN B 267 -24.13 -13.85 -10.32
N SER B 268 -23.96 -15.16 -10.10
CA SER B 268 -22.63 -15.78 -10.21
C SER B 268 -22.19 -16.14 -11.64
N GLY B 269 -23.16 -16.39 -12.52
CA GLY B 269 -22.88 -16.99 -13.83
C GLY B 269 -22.46 -18.45 -13.77
N ALA B 270 -22.58 -19.10 -12.61
CA ALA B 270 -22.21 -20.52 -12.45
C ALA B 270 -23.47 -21.38 -12.56
N THR B 271 -23.41 -22.38 -13.45
CA THR B 271 -24.46 -23.36 -13.58
C THR B 271 -24.07 -24.74 -13.03
N TRP B 272 -22.78 -25.00 -12.75
CA TRP B 272 -22.37 -26.30 -12.19
C TRP B 272 -22.76 -26.45 -10.70
N THR B 273 -22.96 -25.31 -10.03
CA THR B 273 -23.24 -25.22 -8.58
C THR B 273 -24.33 -24.20 -8.34
N ASN B 274 -25.21 -24.46 -7.36
CA ASN B 274 -26.12 -23.45 -6.79
C ASN B 274 -25.40 -22.66 -5.67
N ASP B 275 -24.70 -23.37 -4.78
CA ASP B 275 -23.96 -22.73 -3.67
C ASP B 275 -22.78 -21.90 -4.18
N ILE B 276 -22.61 -20.71 -3.57
CA ILE B 276 -21.35 -19.96 -3.56
C ILE B 276 -20.98 -19.85 -2.06
N SER B 277 -19.95 -20.61 -1.63
CA SER B 277 -19.69 -20.86 -0.22
C SER B 277 -18.19 -20.65 0.14
N SER B 278 -17.90 -20.73 1.45
CA SER B 278 -16.60 -20.50 2.12
C SER B 278 -15.35 -20.59 1.23
N GLY B 279 -14.70 -19.42 1.04
CA GLY B 279 -13.46 -19.34 0.26
C GLY B 279 -12.71 -18.04 0.55
N ASP B 280 -12.15 -17.40 -0.50
CA ASP B 280 -11.31 -16.20 -0.32
C ASP B 280 -11.36 -15.38 -1.62
N LEU B 281 -11.58 -14.07 -1.49
CA LEU B 281 -11.30 -13.17 -2.62
C LEU B 281 -9.80 -13.29 -2.98
N VAL B 282 -9.47 -13.01 -4.25
CA VAL B 282 -8.08 -13.06 -4.72
C VAL B 282 -7.35 -11.79 -4.26
N ARG B 283 -6.31 -12.00 -3.44
CA ARG B 283 -5.41 -10.99 -2.92
C ARG B 283 -4.09 -11.12 -3.76
N THR B 284 -3.62 -10.01 -4.26
CA THR B 284 -2.35 -9.95 -5.03
C THR B 284 -1.16 -9.76 -4.05
N ASN B 285 -1.28 -8.77 -3.14
CA ASN B 285 -0.25 -8.58 -2.13
C ASN B 285 -0.57 -9.56 -0.97
N PRO B 286 0.43 -10.37 -0.54
CA PRO B 286 0.16 -11.43 0.46
C PRO B 286 0.20 -10.99 1.92
N ASP B 287 0.43 -9.70 2.21
CA ASP B 287 0.71 -9.26 3.59
C ASP B 287 -0.54 -9.17 4.48
N GLN B 288 -0.30 -8.77 5.74
CA GLN B 288 -1.34 -8.77 6.76
C GLN B 288 -2.49 -7.78 6.52
N THR B 289 -2.34 -6.86 5.57
CA THR B 289 -3.42 -5.91 5.24
C THR B 289 -4.55 -6.55 4.43
N GLN B 290 -4.36 -7.77 3.93
CA GLN B 290 -5.46 -8.49 3.21
C GLN B 290 -6.03 -7.59 2.09
N THR B 291 -5.13 -6.97 1.31
CA THR B 291 -5.57 -5.99 0.32
C THR B 291 -6.14 -6.66 -0.94
N ILE B 292 -7.27 -6.14 -1.42
CA ILE B 292 -7.87 -6.52 -2.72
C ILE B 292 -7.84 -5.32 -3.67
N ASP B 293 -7.49 -5.59 -4.93
CA ASP B 293 -7.56 -4.63 -6.02
C ASP B 293 -8.98 -4.63 -6.58
N ALA B 294 -9.80 -3.63 -6.23
CA ALA B 294 -11.19 -3.62 -6.70
C ALA B 294 -11.35 -3.36 -8.20
N CYS B 295 -10.26 -3.05 -8.92
CA CYS B 295 -10.28 -3.01 -10.39
C CYS B 295 -10.33 -4.42 -10.99
N ASN B 296 -9.94 -5.44 -10.19
CA ASN B 296 -9.83 -6.83 -10.65
C ASN B 296 -10.41 -7.80 -9.59
N LEU B 297 -11.67 -7.61 -9.25
CA LEU B 297 -12.31 -8.50 -8.25
C LEU B 297 -12.48 -9.91 -8.80
N GLN B 298 -11.99 -10.89 -8.01
CA GLN B 298 -12.14 -12.33 -8.30
C GLN B 298 -12.37 -13.06 -6.98
N PHE B 299 -13.12 -14.17 -7.04
CA PHE B 299 -13.53 -14.93 -5.81
C PHE B 299 -13.26 -16.42 -6.01
N LEU B 300 -12.31 -16.99 -5.25
CA LEU B 300 -12.08 -18.45 -5.19
C LEU B 300 -13.03 -19.02 -4.12
N TYR B 301 -14.12 -19.64 -4.59
CA TYR B 301 -15.22 -20.10 -3.73
C TYR B 301 -15.32 -21.62 -3.74
N GLN B 302 -15.98 -22.20 -2.71
CA GLN B 302 -16.35 -23.62 -2.74
C GLN B 302 -17.78 -23.76 -3.28
N GLY B 303 -17.94 -24.70 -4.23
CA GLY B 303 -19.25 -25.07 -4.77
C GLY B 303 -19.44 -26.58 -4.76
N ARG B 304 -20.65 -27.03 -5.11
CA ARG B 304 -20.93 -28.49 -5.18
C ARG B 304 -21.92 -28.75 -6.31
N SER B 305 -21.81 -29.93 -6.94
N SER B 305 -21.84 -29.95 -6.89
CA SER B 305 -22.75 -30.29 -8.01
CA SER B 305 -22.74 -30.33 -7.99
C SER B 305 -24.22 -30.05 -7.64
C SER B 305 -24.22 -30.06 -7.64
N THR B 306 -24.98 -29.59 -8.62
CA THR B 306 -26.42 -29.36 -8.41
C THR B 306 -27.23 -30.62 -8.07
N SER B 307 -26.71 -31.79 -8.41
CA SER B 307 -27.37 -33.06 -8.07
C SER B 307 -26.88 -33.71 -6.76
N SER B 308 -25.94 -33.07 -6.06
CA SER B 308 -25.43 -33.58 -4.77
C SER B 308 -26.46 -33.34 -3.65
N GLY B 309 -26.32 -34.13 -2.58
CA GLY B 309 -27.20 -34.02 -1.44
C GLY B 309 -26.77 -34.92 -0.32
N GLY B 310 -27.64 -35.03 0.69
CA GLY B 310 -27.40 -35.85 1.86
C GLY B 310 -26.62 -35.17 2.98
N ASP B 311 -25.90 -35.97 3.77
CA ASP B 311 -25.22 -35.52 5.00
C ASP B 311 -24.24 -34.37 4.67
N TYR B 312 -24.39 -33.27 5.40
CA TYR B 312 -23.56 -32.07 5.19
C TYR B 312 -22.04 -32.38 5.17
N ASN B 313 -21.58 -33.21 6.12
CA ASN B 313 -20.15 -33.51 6.23
C ASN B 313 -19.56 -34.31 5.06
N LEU B 314 -20.44 -34.96 4.27
CA LEU B 314 -20.03 -35.75 3.10
C LEU B 314 -20.24 -34.99 1.76
N LEU B 315 -20.70 -33.73 1.80
CA LEU B 315 -20.97 -33.02 0.54
C LEU B 315 -19.69 -32.80 -0.27
N PRO B 316 -19.78 -32.93 -1.61
CA PRO B 316 -18.58 -32.88 -2.48
C PRO B 316 -18.16 -31.45 -2.87
N TYR B 317 -17.81 -30.65 -1.86
CA TYR B 317 -17.30 -29.27 -2.11
C TYR B 317 -15.95 -29.31 -2.85
N GLN B 318 -15.79 -28.34 -3.76
CA GLN B 318 -14.59 -28.23 -4.60
C GLN B 318 -14.52 -26.80 -5.17
N PRO B 319 -13.31 -26.36 -5.63
CA PRO B 319 -13.16 -24.92 -5.94
C PRO B 319 -13.67 -24.50 -7.33
N GLY B 320 -14.19 -23.26 -7.38
CA GLY B 320 -14.39 -22.53 -8.64
C GLY B 320 -13.94 -21.09 -8.50
N LEU B 321 -13.89 -20.36 -9.63
CA LEU B 321 -13.42 -18.95 -9.63
C LEU B 321 -14.41 -18.01 -10.32
N LEU B 322 -14.88 -16.99 -9.60
CA LEU B 322 -15.66 -15.88 -10.18
C LEU B 322 -14.76 -14.72 -10.58
N THR B 323 -15.11 -14.06 -11.70
CA THR B 323 -14.47 -12.81 -12.17
C THR B 323 -15.59 -11.77 -12.41
N LEU B 324 -15.40 -10.52 -11.95
CA LEU B 324 -16.47 -9.51 -12.10
C LEU B 324 -16.90 -9.38 -13.58
N ALA B 325 -18.21 -9.22 -13.79
CA ALA B 325 -18.77 -9.02 -15.13
C ALA B 325 -19.26 -7.58 -15.31
O2' EDG C . 12.96 8.77 -6.30
C2' EDG C . 13.52 7.68 -5.59
C1' EDG C . 14.18 6.72 -6.57
N4' EDG C . 15.58 6.62 -6.17
C3' EDG C . 14.65 8.10 -4.62
O3' EDG C . 14.22 8.21 -3.28
C4' EDG C . 15.69 6.97 -4.75
C5' EDG C . 17.12 7.32 -4.37
O5' EDG C . 17.75 8.19 -5.32
CA CA D . 12.30 14.99 -2.91
C1 PEG E . 14.39 -0.73 -9.53
O1 PEG E . 15.35 -1.74 -9.84
C2 PEG E . 14.45 0.37 -10.56
O2 PEG E . 13.35 1.26 -10.34
C3 PEG E . 12.52 1.55 -11.48
C4 PEG E . 11.76 0.31 -11.93
O4 PEG E . 10.40 0.64 -12.24
C1 PEG F . 26.12 26.53 -17.50
O1 PEG F . 27.43 27.08 -17.32
C2 PEG F . 25.13 27.45 -16.81
O2 PEG F . 23.97 27.68 -17.58
C3 PEG F . 23.43 28.95 -17.25
C4 PEG F . 23.03 28.96 -15.79
O4 PEG F . 21.63 29.22 -15.66
C1 PEG G . 15.46 35.58 -7.06
O1 PEG G . 15.25 36.89 -6.51
C2 PEG G . 14.38 35.29 -8.10
O2 PEG G . 14.93 35.37 -9.41
C3 PEG G . 14.88 34.11 -10.06
C4 PEG G . 14.14 34.24 -11.39
O4 PEG G . 15.11 34.44 -12.44
ZN ZN H . -2.70 0.53 -5.99
O2' EDG I . -17.75 -22.68 7.34
C2' EDG I . -17.59 -23.70 8.31
C1' EDG I . -18.58 -24.83 8.03
N4' EDG I . -17.78 -26.03 7.78
C3' EDG I . -16.20 -24.37 8.27
O3' EDG I . -15.32 -23.90 9.28
C4' EDG I . -16.48 -25.85 8.49
C5' EDG I . -15.43 -26.82 8.00
O5' EDG I . -15.39 -26.94 6.59
CA CA J . -12.03 -18.69 5.92
ZN ZN K . 2.95 -23.80 -14.75
C1 PEG L . -24.71 -28.64 9.47
O1 PEG L . -23.89 -28.29 10.60
C2 PEG L . -24.94 -27.41 8.61
O2 PEG L . -26.02 -26.65 9.18
C3 PEG L . -26.87 -25.95 8.27
C4 PEG L . -28.31 -26.05 8.76
O4 PEG L . -28.59 -24.93 9.60
#